data_7JLM
#
_entry.id   7JLM
#
_cell.length_a   85.724
_cell.length_b   87.400
_cell.length_c   159.024
_cell.angle_alpha   90.000
_cell.angle_beta   90.000
_cell.angle_gamma   90.000
#
_symmetry.space_group_name_H-M   'C 2 2 21'
#
loop_
_entity.id
_entity.type
_entity.pdbx_description
1 polymer 'Isoprenyl transferase'
2 non-polymer 'CITRIC ACID'
3 non-polymer 7-(azepan-1-yl)-3-(4-fluorophenyl)-5-methylpyrazolo[1,5-a]pyrimidine
4 water water
#
_entity_poly.entity_id   1
_entity_poly.type   'polypeptide(L)'
_entity_poly.pdbx_seq_one_letter_code
;MLNILKNWKNQQTAASNLERYTKEDILKGEIPEHIAIIMDGNGRWAKKRSLPRIAGHHEGMKVVKRTTKLANELGVKVLT
LYAFSTENWKRPKMEVDFLMKLPEEFLNTYLPELVEENVQVRIIGDETALPAHTLRAIEKAVQDTAQNDGMILNFALNYG
GRTEIVSAAKSLAEKVKEGSLNIEDIDESLFSTYLMTESLQDPELLIRTSGEIRLSNFMLWQVAYSEFVFTDVLWPDFKE
DHFLQALGEFQQRGRRFGGI
;
_entity_poly.pdbx_strand_id   A,B
#
# COMPACT_ATOMS: atom_id res chain seq x y z
N ARG A 20 -21.51 21.50 -20.07
CA ARG A 20 -20.60 20.74 -20.92
C ARG A 20 -19.63 21.66 -21.66
N TYR A 21 -18.37 21.22 -21.82
CA TYR A 21 -17.33 22.00 -22.48
C TYR A 21 -16.61 21.15 -23.53
N THR A 22 -16.13 21.82 -24.58
CA THR A 22 -15.12 21.25 -25.48
C THR A 22 -13.98 22.24 -25.64
N LYS A 23 -12.98 21.84 -26.42
CA LYS A 23 -11.67 22.48 -26.36
C LYS A 23 -11.77 23.97 -26.71
N GLU A 24 -12.16 24.30 -27.94
CA GLU A 24 -12.16 25.71 -28.34
C GLU A 24 -12.96 26.60 -27.39
N ASP A 25 -13.90 26.03 -26.64
CA ASP A 25 -14.52 26.79 -25.57
C ASP A 25 -13.56 27.02 -24.42
N ILE A 26 -12.58 26.12 -24.25
CA ILE A 26 -11.62 26.30 -23.16
C ILE A 26 -10.53 27.31 -23.54
N LEU A 27 -10.08 27.30 -24.79
CA LEU A 27 -9.11 28.31 -25.19
C LEU A 27 -9.68 29.70 -25.16
N LYS A 28 -11.00 29.82 -25.26
CA LYS A 28 -11.65 31.10 -24.99
C LYS A 28 -11.04 31.75 -23.75
N GLY A 29 -10.96 31.01 -22.67
CA GLY A 29 -10.65 31.58 -21.37
C GLY A 29 -9.22 31.31 -20.91
N GLU A 30 -9.02 31.60 -19.61
CA GLU A 30 -7.72 31.46 -19.01
C GLU A 30 -7.29 29.99 -19.00
N ILE A 31 -6.05 29.75 -19.34
CA ILE A 31 -5.44 28.43 -19.21
C ILE A 31 -4.44 28.50 -18.07
N PRO A 32 -4.58 27.70 -17.01
CA PRO A 32 -3.60 27.73 -15.92
C PRO A 32 -2.21 27.56 -16.48
N GLU A 33 -1.31 28.47 -16.08
CA GLU A 33 0.09 28.32 -16.48
C GLU A 33 0.70 27.07 -15.85
N HIS A 34 0.25 26.67 -14.66
CA HIS A 34 0.79 25.53 -13.95
C HIS A 34 -0.34 24.68 -13.40
N ILE A 35 -0.46 23.44 -13.89
CA ILE A 35 -1.43 22.47 -13.41
C ILE A 35 -0.67 21.39 -12.66
N ALA A 36 -1.27 20.90 -11.57
CA ALA A 36 -0.71 19.86 -10.74
C ALA A 36 -1.76 18.78 -10.56
N ILE A 37 -1.38 17.51 -10.77
CA ILE A 37 -2.32 16.40 -10.79
C ILE A 37 -1.85 15.29 -9.86
N ILE A 38 -2.75 14.83 -8.99
CA ILE A 38 -2.53 13.63 -8.18
C ILE A 38 -3.15 12.45 -8.94
N MET A 39 -2.29 11.63 -9.52
CA MET A 39 -2.68 10.56 -10.45
C MET A 39 -3.03 9.29 -9.68
N ASP A 40 -4.19 9.33 -9.03
CA ASP A 40 -4.61 8.24 -8.16
C ASP A 40 -5.63 7.31 -8.86
N GLY A 41 -5.75 6.10 -8.34
CA GLY A 41 -6.74 5.15 -8.82
C GLY A 41 -6.28 4.14 -9.86
N ASN A 42 -4.98 3.89 -9.97
CA ASN A 42 -4.51 2.87 -10.92
C ASN A 42 -4.84 1.47 -10.44
N GLY A 43 -4.58 1.18 -9.16
CA GLY A 43 -4.94 -0.11 -8.61
C GLY A 43 -6.42 -0.41 -8.74
N ARG A 44 -7.27 0.55 -8.36
CA ARG A 44 -8.70 0.31 -8.40
C ARG A 44 -9.23 0.17 -9.82
N TRP A 45 -8.53 0.75 -10.81
CA TRP A 45 -8.93 0.57 -12.20
C TRP A 45 -8.61 -0.86 -12.69
N ALA A 46 -7.49 -1.43 -12.26
CA ALA A 46 -7.16 -2.81 -12.63
C ALA A 46 -8.04 -3.80 -11.87
N LYS A 47 -8.28 -3.53 -10.58
CA LYS A 47 -9.16 -4.39 -9.79
C LYS A 47 -10.53 -4.47 -10.45
N LYS A 48 -11.03 -3.33 -10.94
CA LYS A 48 -12.36 -3.29 -11.54
C LYS A 48 -12.42 -4.10 -12.84
N ARG A 49 -11.30 -4.22 -13.55
CA ARG A 49 -11.25 -5.02 -14.77
C ARG A 49 -10.75 -6.43 -14.54
N SER A 50 -10.66 -6.86 -13.28
CA SER A 50 -10.14 -8.20 -12.94
C SER A 50 -8.72 -8.39 -13.46
N LEU A 51 -7.92 -7.32 -13.43
CA LEU A 51 -6.53 -7.21 -13.82
C LEU A 51 -5.63 -7.08 -12.59
N PRO A 52 -4.37 -7.54 -12.68
CA PRO A 52 -3.42 -7.25 -11.59
C PRO A 52 -3.16 -5.76 -11.46
N ARG A 53 -2.87 -5.32 -10.23
CA ARG A 53 -2.69 -3.90 -9.98
C ARG A 53 -1.55 -3.31 -10.82
N ILE A 54 -0.55 -4.12 -11.17
CA ILE A 54 0.55 -3.58 -11.96
C ILE A 54 0.12 -3.27 -13.38
N ALA A 55 -0.91 -3.94 -13.89
CA ALA A 55 -1.48 -3.57 -15.18
C ALA A 55 -1.96 -2.12 -15.18
N GLY A 56 -2.58 -1.70 -14.07
CA GLY A 56 -3.12 -0.36 -13.99
C GLY A 56 -2.04 0.70 -13.96
N HIS A 57 -0.99 0.47 -13.18
CA HIS A 57 0.16 1.36 -13.23
C HIS A 57 0.65 1.52 -14.66
N HIS A 58 0.70 0.42 -15.42
CA HIS A 58 1.18 0.50 -16.80
C HIS A 58 0.23 1.29 -17.68
N GLU A 59 -1.08 1.07 -17.53
CA GLU A 59 -2.05 1.87 -18.27
C GLU A 59 -1.90 3.35 -17.94
N GLY A 60 -1.86 3.69 -16.65
CA GLY A 60 -1.64 5.07 -16.27
C GLY A 60 -0.45 5.71 -16.96
N MET A 61 0.53 4.90 -17.36
CA MET A 61 1.73 5.47 -17.96
C MET A 61 1.42 6.10 -19.31
N LYS A 62 0.51 5.49 -20.07
CA LYS A 62 0.05 6.06 -21.33
C LYS A 62 -0.66 7.40 -21.11
N VAL A 63 -1.62 7.43 -20.18
CA VAL A 63 -2.41 8.63 -19.97
C VAL A 63 -1.51 9.80 -19.58
N VAL A 64 -0.37 9.52 -18.94
CA VAL A 64 0.62 10.57 -18.68
C VAL A 64 0.97 11.31 -19.97
N LYS A 65 1.47 10.60 -20.99
CA LYS A 65 1.93 11.34 -22.17
C LYS A 65 0.77 11.85 -23.00
N ARG A 66 -0.36 11.15 -23.01
CA ARG A 66 -1.55 11.68 -23.66
C ARG A 66 -2.00 12.99 -23.00
N THR A 67 -1.97 13.06 -21.66
CA THR A 67 -2.28 14.31 -20.98
C THR A 67 -1.17 15.34 -21.18
N THR A 68 0.08 14.89 -21.29
CA THR A 68 1.19 15.82 -21.49
C THR A 68 1.06 16.51 -22.83
N LYS A 69 0.62 15.79 -23.85
CA LYS A 69 0.51 16.38 -25.17
C LYS A 69 -0.61 17.41 -25.21
N LEU A 70 -1.78 17.08 -24.64
CA LEU A 70 -2.91 18.01 -24.68
C LEU A 70 -2.59 19.28 -23.90
N ALA A 71 -2.01 19.15 -22.70
CA ALA A 71 -1.70 20.35 -21.93
C ALA A 71 -0.71 21.25 -22.67
N ASN A 72 0.21 20.65 -23.42
CA ASN A 72 1.23 21.44 -24.10
C ASN A 72 0.66 22.20 -25.30
N GLU A 73 -0.32 21.60 -25.99
CA GLU A 73 -0.99 22.33 -27.07
C GLU A 73 -1.76 23.52 -26.50
N LEU A 74 -2.45 23.31 -25.38
CA LEU A 74 -3.27 24.34 -24.74
C LEU A 74 -2.45 25.53 -24.27
N GLY A 75 -1.15 25.34 -24.07
CA GLY A 75 -0.31 26.38 -23.54
C GLY A 75 -0.06 26.31 -22.06
N VAL A 76 -0.34 25.18 -21.41
CA VAL A 76 0.09 25.02 -20.04
C VAL A 76 1.60 25.09 -20.03
N LYS A 77 2.17 25.76 -19.04
CA LYS A 77 3.62 25.97 -19.00
C LYS A 77 4.35 25.04 -18.05
N VAL A 78 3.69 24.60 -16.98
CA VAL A 78 4.22 23.60 -16.04
C VAL A 78 3.13 22.57 -15.78
N LEU A 79 3.45 21.30 -16.02
CA LEU A 79 2.61 20.19 -15.61
C LEU A 79 3.37 19.39 -14.56
N THR A 80 2.78 19.27 -13.37
CA THR A 80 3.39 18.56 -12.27
C THR A 80 2.49 17.40 -11.90
N LEU A 81 3.05 16.20 -11.98
CA LEU A 81 2.31 14.95 -11.80
C LEU A 81 2.95 14.17 -10.68
N TYR A 82 2.12 13.78 -9.71
CA TYR A 82 2.51 13.03 -8.52
C TYR A 82 2.61 11.56 -8.89
N ALA A 83 3.82 11.08 -9.16
CA ALA A 83 3.97 9.71 -9.67
C ALA A 83 4.15 8.70 -8.54
N PHE A 84 4.91 9.05 -7.51
CA PHE A 84 5.24 8.10 -6.47
C PHE A 84 5.40 8.83 -5.15
N SER A 85 4.55 8.52 -4.18
CA SER A 85 4.56 9.18 -2.90
C SER A 85 5.55 8.51 -1.96
N THR A 86 6.06 9.30 -1.00
CA THR A 86 6.92 8.76 0.05
C THR A 86 6.27 7.58 0.79
N GLU A 87 4.93 7.60 0.91
CA GLU A 87 4.25 6.52 1.60
C GLU A 87 4.04 5.28 0.73
N ASN A 88 4.32 5.37 -0.58
CA ASN A 88 4.19 4.24 -1.49
C ASN A 88 5.27 3.19 -1.31
N TRP A 89 6.31 3.48 -0.53
CA TRP A 89 7.35 2.49 -0.25
C TRP A 89 6.79 1.27 0.45
N LYS A 90 5.70 1.41 1.21
CA LYS A 90 5.15 0.35 2.04
C LYS A 90 4.31 -0.67 1.25
N ARG A 91 4.14 -0.48 -0.05
CA ARG A 91 3.39 -1.43 -0.86
C ARG A 91 4.22 -2.71 -1.08
N PRO A 92 3.62 -3.79 -1.61
CA PRO A 92 4.39 -5.05 -1.74
C PRO A 92 5.62 -4.86 -2.62
N LYS A 93 6.67 -5.63 -2.32
CA LYS A 93 7.96 -5.32 -2.92
C LYS A 93 7.94 -5.54 -4.43
N MET A 94 7.17 -6.53 -4.91
CA MET A 94 7.05 -6.75 -6.34
C MET A 94 6.45 -5.54 -7.04
N GLU A 95 5.44 -4.92 -6.42
CA GLU A 95 4.83 -3.71 -6.99
C GLU A 95 5.80 -2.53 -6.91
N VAL A 96 6.44 -2.32 -5.75
CA VAL A 96 7.37 -1.19 -5.61
C VAL A 96 8.43 -1.25 -6.69
N ASP A 97 9.01 -2.43 -6.90
CA ASP A 97 10.05 -2.57 -7.91
C ASP A 97 9.52 -2.31 -9.32
N PHE A 98 8.30 -2.78 -9.61
CA PHE A 98 7.67 -2.47 -10.89
C PHE A 98 7.41 -0.96 -11.03
N LEU A 99 6.84 -0.32 -10.01
CA LEU A 99 6.66 1.14 -10.10
C LEU A 99 7.98 1.85 -10.37
N MET A 100 9.06 1.38 -9.74
CA MET A 100 10.40 1.94 -9.93
C MET A 100 10.99 1.63 -11.31
N LYS A 101 10.40 0.71 -12.05
CA LYS A 101 10.83 0.48 -13.42
C LYS A 101 10.05 1.30 -14.43
N LEU A 102 8.95 1.95 -14.00
CA LEU A 102 8.09 2.69 -14.91
C LEU A 102 8.77 3.91 -15.52
N PRO A 103 9.59 4.66 -14.78
CA PRO A 103 10.25 5.81 -15.44
C PRO A 103 11.09 5.42 -16.64
N GLU A 104 11.94 4.39 -16.52
CA GLU A 104 12.70 3.89 -17.67
C GLU A 104 11.77 3.55 -18.82
N GLU A 105 10.76 2.74 -18.54
CA GLU A 105 9.82 2.33 -19.58
C GLU A 105 9.17 3.53 -20.22
N PHE A 106 8.75 4.51 -19.39
CA PHE A 106 8.08 5.69 -19.91
C PHE A 106 9.00 6.50 -20.82
N LEU A 107 10.22 6.74 -20.36
CA LEU A 107 11.18 7.50 -21.16
C LEU A 107 11.63 6.72 -22.38
N ASN A 108 11.88 5.41 -22.23
CA ASN A 108 12.27 4.62 -23.39
C ASN A 108 11.20 4.67 -24.48
N THR A 109 9.95 4.95 -24.10
CA THR A 109 8.87 4.95 -25.07
C THR A 109 8.58 6.35 -25.60
N TYR A 110 8.71 7.39 -24.77
CA TYR A 110 8.17 8.69 -25.10
C TYR A 110 9.19 9.81 -25.16
N LEU A 111 10.40 9.60 -24.63
CA LEU A 111 11.38 10.69 -24.56
C LEU A 111 11.64 11.35 -25.91
N PRO A 112 11.91 10.62 -27.00
CA PRO A 112 12.07 11.32 -28.29
C PRO A 112 10.86 12.19 -28.66
N GLU A 113 9.63 11.68 -28.47
CA GLU A 113 8.45 12.51 -28.68
C GLU A 113 8.51 13.79 -27.84
N LEU A 114 8.92 13.66 -26.58
CA LEU A 114 8.99 14.81 -25.70
C LEU A 114 10.07 15.78 -26.14
N VAL A 115 11.13 15.27 -26.76
CA VAL A 115 12.16 16.14 -27.30
C VAL A 115 11.62 16.92 -28.49
N GLU A 116 10.88 16.24 -29.39
CA GLU A 116 10.30 16.93 -30.55
C GLU A 116 9.30 17.98 -30.10
N GLU A 117 8.57 17.71 -29.03
CA GLU A 117 7.52 18.61 -28.56
C GLU A 117 8.05 19.80 -27.75
N ASN A 118 9.37 19.92 -27.58
CA ASN A 118 10.08 21.01 -26.91
C ASN A 118 9.96 20.94 -25.39
N VAL A 119 9.50 19.80 -24.86
CA VAL A 119 9.24 19.64 -23.43
C VAL A 119 10.55 19.70 -22.65
N GLN A 120 10.46 20.10 -21.37
CA GLN A 120 11.58 20.02 -20.43
C GLN A 120 11.18 19.06 -19.31
N VAL A 121 11.88 17.94 -19.19
CA VAL A 121 11.58 16.95 -18.17
C VAL A 121 12.34 17.30 -16.90
N ARG A 122 11.62 17.32 -15.78
CA ARG A 122 12.22 17.64 -14.49
C ARG A 122 11.59 16.76 -13.43
N ILE A 123 12.26 16.70 -12.29
CA ILE A 123 11.97 15.75 -11.22
C ILE A 123 12.00 16.51 -9.91
N ILE A 124 11.00 16.27 -9.05
CA ILE A 124 11.02 16.82 -7.71
C ILE A 124 10.75 15.69 -6.73
N GLY A 125 11.45 15.71 -5.61
CA GLY A 125 11.44 14.67 -4.60
C GLY A 125 12.84 14.32 -4.14
N ASP A 126 12.92 13.38 -3.21
CA ASP A 126 14.18 12.84 -2.71
C ASP A 126 14.65 11.69 -3.63
N GLU A 127 15.65 11.97 -4.47
CA GLU A 127 16.10 11.01 -5.47
C GLU A 127 17.08 9.99 -4.92
N THR A 128 17.82 10.34 -3.86
CA THR A 128 18.78 9.42 -3.24
C THR A 128 18.16 8.08 -2.85
N ALA A 129 16.83 8.01 -2.77
CA ALA A 129 16.10 6.81 -2.36
C ALA A 129 15.66 5.95 -3.54
N LEU A 130 15.85 6.42 -4.78
CA LEU A 130 15.48 5.61 -5.92
C LEU A 130 16.62 4.64 -6.29
N PRO A 131 16.30 3.50 -6.89
CA PRO A 131 17.37 2.63 -7.38
C PRO A 131 18.19 3.37 -8.42
N ALA A 132 19.46 3.04 -8.48
CA ALA A 132 20.36 3.75 -9.39
C ALA A 132 20.00 3.54 -10.86
N HIS A 133 19.41 2.39 -11.19
CA HIS A 133 18.99 2.17 -12.57
C HIS A 133 17.81 3.08 -12.93
N THR A 134 16.95 3.39 -11.96
CA THR A 134 15.87 4.35 -12.16
C THR A 134 16.39 5.79 -12.21
N LEU A 135 17.35 6.12 -11.35
CA LEU A 135 17.91 7.47 -11.37
C LEU A 135 18.72 7.71 -12.65
N ARG A 136 19.59 6.76 -13.00
CA ARG A 136 20.37 6.87 -14.23
C ARG A 136 19.49 7.24 -15.42
N ALA A 137 18.37 6.51 -15.58
CA ALA A 137 17.49 6.75 -16.72
C ALA A 137 16.87 8.15 -16.66
N ILE A 138 16.42 8.56 -15.47
CA ILE A 138 15.78 9.87 -15.34
C ILE A 138 16.76 10.99 -15.69
N GLU A 139 17.98 10.92 -15.15
CA GLU A 139 18.92 12.03 -15.30
C GLU A 139 19.34 12.24 -16.75
N LYS A 140 19.36 11.18 -17.56
CA LYS A 140 19.61 11.36 -18.99
C LYS A 140 18.44 12.05 -19.67
N ALA A 141 17.21 11.73 -19.26
CA ALA A 141 16.04 12.48 -19.73
C ALA A 141 16.18 13.97 -19.44
N VAL A 142 16.51 14.32 -18.20
CA VAL A 142 16.63 15.73 -17.80
C VAL A 142 17.66 16.43 -18.67
N GLN A 143 18.83 15.81 -18.86
CA GLN A 143 19.88 16.44 -19.66
C GLN A 143 19.47 16.53 -21.12
N ASP A 144 18.79 15.50 -21.63
CA ASP A 144 18.45 15.49 -23.05
C ASP A 144 17.40 16.55 -23.39
N THR A 145 16.72 17.09 -22.39
CA THR A 145 15.70 18.12 -22.59
C THR A 145 16.08 19.42 -21.89
N ALA A 146 17.33 19.53 -21.42
CA ALA A 146 17.73 20.70 -20.64
C ALA A 146 17.61 21.98 -21.48
N GLN A 147 18.18 21.97 -22.68
CA GLN A 147 18.22 23.14 -23.55
C GLN A 147 16.94 23.32 -24.37
N ASN A 148 15.83 22.69 -23.98
CA ASN A 148 14.51 23.04 -24.48
C ASN A 148 13.90 24.13 -23.61
N ASP A 149 13.04 24.95 -24.22
CA ASP A 149 12.38 26.06 -23.53
C ASP A 149 10.86 25.94 -23.57
N GLY A 150 10.32 24.78 -23.92
CA GLY A 150 8.89 24.58 -23.98
C GLY A 150 8.32 24.23 -22.62
N MET A 151 7.21 23.48 -22.64
CA MET A 151 6.50 23.15 -21.42
C MET A 151 7.37 22.31 -20.49
N ILE A 152 7.20 22.53 -19.19
CA ILE A 152 7.96 21.84 -18.16
C ILE A 152 7.12 20.70 -17.60
N LEU A 153 7.65 19.49 -17.71
CA LEU A 153 6.97 18.28 -17.26
C LEU A 153 7.66 17.81 -15.99
N ASN A 154 7.01 18.02 -14.86
CA ASN A 154 7.56 17.77 -13.53
C ASN A 154 6.98 16.47 -13.01
N PHE A 155 7.80 15.43 -12.87
CA PHE A 155 7.34 14.21 -12.19
C PHE A 155 7.68 14.34 -10.71
N ALA A 156 6.67 14.19 -9.86
CA ALA A 156 6.87 14.23 -8.41
C ALA A 156 7.08 12.79 -7.98
N LEU A 157 8.29 12.48 -7.55
CA LEU A 157 8.74 11.10 -7.35
C LEU A 157 9.44 11.04 -6.00
N ASN A 158 8.84 10.31 -5.06
CA ASN A 158 9.33 10.28 -3.68
C ASN A 158 9.22 11.67 -3.05
N TYR A 159 8.09 12.31 -3.29
CA TYR A 159 7.90 13.69 -2.90
C TYR A 159 6.93 13.76 -1.74
N GLY A 160 7.26 14.59 -0.74
CA GLY A 160 6.32 14.92 0.32
C GLY A 160 6.43 16.35 0.84
N GLY A 161 5.29 17.00 1.08
CA GLY A 161 5.31 18.41 1.42
C GLY A 161 5.99 18.74 2.74
N ARG A 162 5.77 17.91 3.76
CA ARG A 162 6.31 18.24 5.07
C ARG A 162 7.84 18.15 5.06
N THR A 163 8.36 17.02 4.53
CA THR A 163 9.79 16.86 4.29
C THR A 163 10.35 18.05 3.55
N GLU A 164 9.70 18.42 2.45
CA GLU A 164 10.18 19.54 1.66
C GLU A 164 10.26 20.81 2.51
N ILE A 165 9.25 21.06 3.35
CA ILE A 165 9.24 22.30 4.16
C ILE A 165 10.34 22.25 5.21
N VAL A 166 10.51 21.10 5.86
CA VAL A 166 11.57 20.94 6.86
C VAL A 166 12.94 21.17 6.22
N SER A 167 13.15 20.65 4.99
CA SER A 167 14.48 20.80 4.39
C SER A 167 14.73 22.24 3.96
N ALA A 168 13.67 22.97 3.57
CA ALA A 168 13.81 24.43 3.42
C ALA A 168 14.29 25.08 4.72
N ALA A 169 13.61 24.79 5.84
CA ALA A 169 13.97 25.37 7.14
C ALA A 169 15.41 25.04 7.53
N LYS A 170 15.80 23.76 7.35
CA LYS A 170 17.16 23.33 7.66
C LYS A 170 18.19 24.04 6.78
N SER A 171 17.91 24.19 5.48
CA SER A 171 18.83 24.92 4.62
C SER A 171 18.97 26.37 5.07
N LEU A 172 17.84 27.07 5.25
CA LEU A 172 17.86 28.46 5.75
C LEU A 172 18.58 28.55 7.09
N ALA A 173 18.24 27.65 8.02
CA ALA A 173 18.95 27.61 9.30
C ALA A 173 20.47 27.49 9.11
N GLU A 174 20.91 26.63 8.17
CA GLU A 174 22.35 26.41 7.98
C GLU A 174 23.04 27.67 7.46
N LYS A 175 22.37 28.41 6.58
CA LYS A 175 22.97 29.67 6.11
C LYS A 175 23.00 30.71 7.22
N VAL A 176 21.99 30.75 8.08
CA VAL A 176 22.04 31.66 9.23
C VAL A 176 23.22 31.28 10.13
N LYS A 177 23.36 29.99 10.42
CA LYS A 177 24.49 29.50 11.22
C LYS A 177 25.84 29.97 10.68
N GLU A 178 25.98 30.02 9.37
CA GLU A 178 27.25 30.35 8.74
C GLU A 178 27.46 31.85 8.54
N GLY A 179 26.45 32.67 8.83
CA GLY A 179 26.58 34.11 8.69
C GLY A 179 26.24 34.66 7.34
N SER A 180 25.81 33.83 6.42
CA SER A 180 25.47 34.23 5.07
C SER A 180 24.05 34.77 4.97
N LEU A 181 23.24 34.59 6.02
CA LEU A 181 21.83 34.96 6.02
C LEU A 181 21.44 35.53 7.38
N ASN A 182 20.89 36.74 7.38
CA ASN A 182 20.25 37.29 8.55
C ASN A 182 18.81 36.83 8.65
N ILE A 183 18.39 36.47 9.87
CA ILE A 183 17.03 35.99 10.12
C ILE A 183 15.95 36.97 9.65
N GLU A 184 16.23 38.27 9.72
CA GLU A 184 15.15 39.21 9.40
C GLU A 184 14.88 39.30 7.91
N ASP A 185 15.75 38.71 7.08
CA ASP A 185 15.57 38.65 5.64
C ASP A 185 14.83 37.41 5.20
N ILE A 186 14.46 36.53 6.12
CA ILE A 186 13.66 35.36 5.78
C ILE A 186 12.22 35.82 5.68
N ASP A 187 11.67 35.87 4.47
CA ASP A 187 10.25 36.12 4.37
C ASP A 187 9.59 35.05 3.52
N GLU A 188 8.31 35.25 3.20
CA GLU A 188 7.54 34.26 2.44
C GLU A 188 8.23 33.91 1.13
N SER A 189 8.54 34.92 0.33
CA SER A 189 9.08 34.68 -0.99
C SER A 189 10.45 34.03 -0.91
N LEU A 190 11.29 34.44 0.04
CA LEU A 190 12.56 33.78 0.21
C LEU A 190 12.36 32.32 0.58
N PHE A 191 11.39 32.03 1.46
CA PHE A 191 11.13 30.66 1.83
C PHE A 191 10.79 29.81 0.62
N SER A 192 10.06 30.37 -0.33
CA SER A 192 9.63 29.62 -1.50
C SER A 192 10.80 29.13 -2.32
N THR A 193 11.89 29.90 -2.37
CA THR A 193 13.04 29.57 -3.20
C THR A 193 13.84 28.39 -2.66
N TYR A 194 13.63 27.99 -1.41
CA TYR A 194 14.32 26.83 -0.86
C TYR A 194 13.44 25.60 -0.91
N LEU A 195 12.25 25.70 -1.49
CA LEU A 195 11.43 24.52 -1.77
C LEU A 195 11.93 23.85 -3.05
N MET A 196 11.60 22.59 -3.19
CA MET A 196 12.05 21.81 -4.36
C MET A 196 11.53 22.43 -5.63
N THR A 197 10.47 23.23 -5.52
CA THR A 197 9.86 23.87 -6.70
C THR A 197 10.65 25.10 -7.09
N GLU A 198 11.69 25.43 -6.34
CA GLU A 198 12.63 26.49 -6.73
C GLU A 198 11.89 27.78 -7.03
N SER A 199 12.10 28.31 -8.23
CA SER A 199 11.50 29.58 -8.67
C SER A 199 10.21 29.33 -9.46
N LEU A 200 9.80 28.08 -9.64
CA LEU A 200 8.58 27.82 -10.45
C LEU A 200 7.38 28.48 -9.79
N GLN A 201 6.45 28.93 -10.62
CA GLN A 201 5.24 29.57 -10.08
C GLN A 201 4.36 28.52 -9.42
N ASP A 202 3.53 28.92 -8.48
CA ASP A 202 2.65 27.98 -7.79
C ASP A 202 1.56 27.49 -8.76
N PRO A 203 1.04 26.29 -8.56
CA PRO A 203 -0.02 25.81 -9.46
C PRO A 203 -1.33 26.58 -9.23
N GLU A 204 -1.88 27.13 -10.30
CA GLU A 204 -3.21 27.73 -10.16
C GLU A 204 -4.29 26.67 -10.02
N LEU A 205 -4.07 25.46 -10.55
CA LEU A 205 -5.09 24.42 -10.60
C LEU A 205 -4.50 23.11 -10.15
N LEU A 206 -5.15 22.48 -9.17
CA LEU A 206 -4.82 21.13 -8.72
C LEU A 206 -5.97 20.21 -9.04
N ILE A 207 -5.65 19.08 -9.69
CA ILE A 207 -6.59 18.03 -10.07
C ILE A 207 -6.23 16.76 -9.32
N ARG A 208 -7.24 16.07 -8.78
CA ARG A 208 -7.04 14.76 -8.14
C ARG A 208 -8.16 13.81 -8.58
N THR A 209 -7.74 12.69 -9.14
CA THR A 209 -8.63 11.63 -9.63
C THR A 209 -8.84 10.59 -8.52
N SER A 210 -9.76 9.68 -8.79
CA SER A 210 -10.11 8.48 -7.97
C SER A 210 -11.03 8.74 -6.79
N GLY A 211 -11.67 9.91 -6.73
CA GLY A 211 -12.68 10.16 -5.70
C GLY A 211 -12.15 10.39 -4.29
N GLU A 212 -10.85 10.54 -4.09
CA GLU A 212 -10.36 10.83 -2.73
C GLU A 212 -10.34 12.36 -2.57
N ILE A 213 -10.87 12.86 -1.46
CA ILE A 213 -10.93 14.31 -1.25
C ILE A 213 -9.98 14.68 -0.13
N ARG A 214 -8.69 14.75 -0.44
CA ARG A 214 -7.64 15.05 0.52
C ARG A 214 -6.41 15.47 -0.26
N LEU A 215 -5.37 15.88 0.45
CA LEU A 215 -4.17 16.39 -0.20
C LEU A 215 -3.01 15.41 -0.15
N SER A 216 -3.04 14.48 0.81
CA SER A 216 -2.05 13.43 0.94
C SER A 216 -0.63 13.98 0.90
N ASN A 217 -0.39 15.08 1.61
CA ASN A 217 0.99 15.57 1.81
C ASN A 217 1.66 15.96 0.48
N PHE A 218 0.89 16.54 -0.44
CA PHE A 218 1.39 16.94 -1.76
C PHE A 218 1.39 18.46 -1.87
N MET A 219 2.58 19.07 -1.93
CA MET A 219 2.74 20.46 -2.34
C MET A 219 1.98 21.42 -1.42
N LEU A 220 2.14 21.22 -0.11
CA LEU A 220 1.27 21.86 0.87
C LEU A 220 1.41 23.38 0.84
N TRP A 221 2.64 23.89 0.89
CA TRP A 221 2.88 25.31 0.71
C TRP A 221 2.38 25.82 -0.64
N GLN A 222 2.65 25.08 -1.71
CA GLN A 222 2.48 25.63 -3.06
C GLN A 222 1.02 25.76 -3.47
N VAL A 223 0.11 25.02 -2.83
CA VAL A 223 -1.30 25.11 -3.20
C VAL A 223 -2.09 25.94 -2.17
N ALA A 224 -1.41 26.87 -1.47
CA ALA A 224 -2.13 27.75 -0.55
C ALA A 224 -3.36 28.36 -1.21
N TYR A 225 -3.21 28.86 -2.44
CA TYR A 225 -4.28 29.55 -3.14
C TYR A 225 -4.76 28.83 -4.40
N SER A 226 -4.26 27.63 -4.67
CA SER A 226 -4.71 26.88 -5.84
C SER A 226 -6.19 26.55 -5.77
N GLU A 227 -6.85 26.53 -6.94
CA GLU A 227 -8.14 25.88 -7.06
C GLU A 227 -7.99 24.36 -7.15
N PHE A 228 -8.88 23.63 -6.48
CA PHE A 228 -8.89 22.17 -6.48
C PHE A 228 -10.06 21.66 -7.29
N VAL A 229 -9.81 20.64 -8.12
CA VAL A 229 -10.86 19.91 -8.82
C VAL A 229 -10.68 18.44 -8.54
N PHE A 230 -11.65 17.84 -7.83
CA PHE A 230 -11.68 16.41 -7.58
C PHE A 230 -12.68 15.73 -8.52
N THR A 231 -12.28 14.57 -9.06
CA THR A 231 -13.12 13.80 -9.96
C THR A 231 -13.16 12.34 -9.50
N ASP A 232 -14.31 11.69 -9.72
CA ASP A 232 -14.44 10.28 -9.40
C ASP A 232 -13.75 9.40 -10.44
N VAL A 233 -13.41 9.97 -11.60
CA VAL A 233 -12.76 9.23 -12.66
C VAL A 233 -11.41 8.73 -12.18
N LEU A 234 -11.11 7.46 -12.44
CA LEU A 234 -9.81 6.91 -12.12
C LEU A 234 -8.78 7.33 -13.16
N TRP A 235 -7.54 7.46 -12.72
CA TRP A 235 -6.52 8.03 -13.59
C TRP A 235 -6.44 7.35 -14.96
N PRO A 236 -6.33 6.02 -15.07
CA PRO A 236 -6.31 5.40 -16.43
C PRO A 236 -7.52 5.76 -17.28
N ASP A 237 -8.65 6.18 -16.69
CA ASP A 237 -9.83 6.57 -17.45
C ASP A 237 -9.86 8.08 -17.73
N PHE A 238 -8.80 8.81 -17.40
CA PHE A 238 -8.81 10.28 -17.43
C PHE A 238 -8.32 10.75 -18.79
N LYS A 239 -9.22 10.68 -19.77
CA LYS A 239 -8.92 11.08 -21.13
C LYS A 239 -9.17 12.58 -21.32
N GLU A 240 -9.05 13.05 -22.57
CA GLU A 240 -8.95 14.48 -22.84
C GLU A 240 -10.22 15.25 -22.47
N ASP A 241 -11.38 14.61 -22.53
CA ASP A 241 -12.60 15.34 -22.20
C ASP A 241 -12.72 15.58 -20.70
N HIS A 242 -12.40 14.58 -19.88
CA HIS A 242 -12.32 14.78 -18.44
C HIS A 242 -11.34 15.90 -18.10
N PHE A 243 -10.19 15.93 -18.80
CA PHE A 243 -9.21 16.98 -18.57
C PHE A 243 -9.77 18.35 -18.95
N LEU A 244 -10.40 18.45 -20.12
CA LEU A 244 -11.01 19.72 -20.52
C LEU A 244 -12.13 20.11 -19.57
N GLN A 245 -12.94 19.14 -19.11
CA GLN A 245 -14.00 19.46 -18.16
C GLN A 245 -13.44 20.00 -16.85
N ALA A 246 -12.28 19.48 -16.43
CA ALA A 246 -11.62 20.01 -15.25
C ALA A 246 -11.16 21.43 -15.47
N LEU A 247 -10.71 21.74 -16.68
CA LEU A 247 -10.36 23.11 -17.02
C LEU A 247 -11.60 24.00 -17.06
N GLY A 248 -12.72 23.46 -17.53
CA GLY A 248 -13.97 24.24 -17.52
C GLY A 248 -14.39 24.64 -16.12
N GLU A 249 -14.33 23.70 -15.17
CA GLU A 249 -14.55 24.03 -13.77
C GLU A 249 -13.65 25.17 -13.34
N PHE A 250 -12.33 25.03 -13.59
CA PHE A 250 -11.36 26.04 -13.17
C PHE A 250 -11.80 27.44 -13.58
N GLN A 251 -12.28 27.58 -14.82
CA GLN A 251 -12.68 28.89 -15.34
C GLN A 251 -13.93 29.44 -14.69
N GLN A 252 -14.70 28.64 -13.94
CA GLN A 252 -15.85 29.13 -13.21
C GLN A 252 -15.48 29.74 -11.87
N ARG A 253 -14.25 29.52 -11.40
CA ARG A 253 -13.90 29.84 -10.02
C ARG A 253 -13.50 31.32 -9.89
N GLY A 254 -14.05 31.99 -8.88
CA GLY A 254 -13.77 33.39 -8.66
C GLY A 254 -13.30 33.65 -7.25
N ARG A 255 -12.56 34.75 -7.11
CA ARG A 255 -12.06 35.27 -5.84
C ARG A 255 -11.26 34.25 -5.05
N ARG B 20 1.86 -34.94 30.46
CA ARG B 20 1.75 -33.99 29.36
C ARG B 20 2.87 -32.96 29.37
N TYR B 21 2.72 -31.89 28.60
CA TYR B 21 3.78 -30.92 28.36
C TYR B 21 3.56 -29.66 29.20
N THR B 22 4.64 -29.21 29.85
CA THR B 22 4.70 -27.91 30.51
C THR B 22 5.39 -26.93 29.58
N LYS B 23 5.50 -25.68 30.03
CA LYS B 23 6.10 -24.65 29.17
C LYS B 23 7.62 -24.77 29.12
N GLU B 24 8.26 -25.15 30.23
CA GLU B 24 9.71 -25.32 30.22
C GLU B 24 10.16 -26.60 29.55
N ASP B 25 9.28 -27.61 29.45
CA ASP B 25 9.61 -28.77 28.63
C ASP B 25 9.62 -28.40 27.16
N ILE B 26 8.60 -27.67 26.71
CA ILE B 26 8.50 -27.25 25.32
C ILE B 26 9.65 -26.35 24.94
N LEU B 27 10.20 -25.61 25.90
CA LEU B 27 11.28 -24.67 25.58
C LEU B 27 12.60 -25.37 25.30
N LYS B 28 12.91 -26.45 26.02
CA LYS B 28 14.15 -27.15 25.70
C LYS B 28 14.04 -27.96 24.41
N GLY B 29 12.90 -27.85 23.75
CA GLY B 29 12.66 -28.47 22.44
C GLY B 29 12.77 -27.45 21.33
N GLU B 30 12.34 -27.80 20.12
CA GLU B 30 12.46 -26.86 18.98
C GLU B 30 11.17 -26.07 18.80
N ILE B 31 11.28 -24.78 18.56
CA ILE B 31 10.09 -23.91 18.40
C ILE B 31 9.91 -23.58 16.94
N PRO B 32 8.73 -23.81 16.36
CA PRO B 32 8.48 -23.45 14.99
C PRO B 32 8.68 -21.95 14.80
N GLU B 33 9.26 -21.57 13.69
CA GLU B 33 9.45 -20.14 13.45
C GLU B 33 8.16 -19.48 13.02
N HIS B 34 7.30 -20.20 12.31
CA HIS B 34 6.08 -19.64 11.73
C HIS B 34 4.94 -20.61 12.01
N ILE B 35 4.01 -20.20 12.89
CA ILE B 35 2.82 -20.98 13.22
C ILE B 35 1.61 -20.31 12.59
N ALA B 36 0.77 -21.09 11.92
CA ALA B 36 -0.48 -20.59 11.37
C ALA B 36 -1.63 -21.33 12.02
N ILE B 37 -2.67 -20.58 12.38
CA ILE B 37 -3.78 -21.17 13.10
C ILE B 37 -5.09 -20.83 12.40
N ILE B 38 -5.86 -21.85 12.08
CA ILE B 38 -7.24 -21.69 11.65
C ILE B 38 -8.12 -21.65 12.90
N MET B 39 -8.59 -20.46 13.28
CA MET B 39 -9.44 -20.31 14.46
C MET B 39 -10.87 -20.67 14.09
N ASP B 40 -11.38 -21.74 14.69
CA ASP B 40 -12.70 -22.27 14.40
C ASP B 40 -13.33 -22.72 15.72
N GLY B 41 -14.66 -22.74 15.75
CA GLY B 41 -15.41 -23.15 16.93
C GLY B 41 -16.00 -22.04 17.80
N ASN B 42 -15.88 -20.77 17.42
CA ASN B 42 -16.42 -19.69 18.26
C ASN B 42 -17.94 -19.80 18.40
N GLY B 43 -18.64 -20.02 17.28
CA GLY B 43 -20.09 -20.16 17.35
C GLY B 43 -20.53 -21.38 18.12
N ARG B 44 -19.83 -22.51 17.95
CA ARG B 44 -20.15 -23.72 18.70
C ARG B 44 -19.95 -23.51 20.19
N TRP B 45 -18.86 -22.82 20.55
CA TRP B 45 -18.57 -22.55 21.95
C TRP B 45 -19.68 -21.71 22.60
N ALA B 46 -20.19 -20.72 21.87
CA ALA B 46 -21.30 -19.91 22.40
C ALA B 46 -22.54 -20.78 22.61
N LYS B 47 -22.92 -21.57 21.60
CA LYS B 47 -24.10 -22.42 21.71
C LYS B 47 -24.00 -23.38 22.89
N LYS B 48 -22.84 -24.03 23.01
CA LYS B 48 -22.57 -24.94 24.14
C LYS B 48 -22.82 -24.24 25.47
N ARG B 49 -22.31 -23.03 25.62
CA ARG B 49 -22.50 -22.23 26.84
C ARG B 49 -23.87 -21.59 26.94
N SER B 50 -24.80 -21.88 26.02
CA SER B 50 -26.11 -21.20 25.98
C SER B 50 -25.93 -19.69 25.86
N LEU B 51 -24.97 -19.28 25.03
CA LEU B 51 -24.62 -17.90 24.81
C LEU B 51 -24.89 -17.50 23.37
N PRO B 52 -25.13 -16.23 23.10
CA PRO B 52 -25.24 -15.78 21.71
C PRO B 52 -23.91 -15.89 21.01
N ARG B 53 -23.98 -16.13 19.69
CA ARG B 53 -22.79 -16.33 18.87
C ARG B 53 -21.76 -15.22 19.05
N ILE B 54 -22.22 -13.96 19.15
CA ILE B 54 -21.27 -12.85 19.25
C ILE B 54 -20.40 -12.98 20.49
N ALA B 55 -20.93 -13.54 21.57
CA ALA B 55 -20.11 -13.75 22.76
C ALA B 55 -18.99 -14.74 22.46
N GLY B 56 -19.27 -15.75 21.63
CA GLY B 56 -18.23 -16.65 21.19
C GLY B 56 -17.11 -15.96 20.43
N HIS B 57 -17.46 -15.04 19.52
CA HIS B 57 -16.43 -14.34 18.75
C HIS B 57 -15.63 -13.41 19.65
N HIS B 58 -16.33 -12.68 20.52
CA HIS B 58 -15.68 -11.81 21.49
C HIS B 58 -14.69 -12.59 22.35
N GLU B 59 -15.13 -13.73 22.91
CA GLU B 59 -14.23 -14.58 23.68
C GLU B 59 -13.05 -15.05 22.83
N GLY B 60 -13.29 -15.38 21.57
CA GLY B 60 -12.20 -15.78 20.69
C GLY B 60 -11.18 -14.68 20.50
N MET B 61 -11.63 -13.44 20.53
CA MET B 61 -10.71 -12.32 20.39
C MET B 61 -9.82 -12.19 21.61
N LYS B 62 -10.33 -12.56 22.79
CA LYS B 62 -9.47 -12.55 23.96
C LYS B 62 -8.42 -13.64 23.85
N VAL B 63 -8.81 -14.79 23.32
CA VAL B 63 -7.87 -15.88 23.14
C VAL B 63 -6.84 -15.53 22.08
N VAL B 64 -7.18 -14.67 21.12
CA VAL B 64 -6.17 -14.16 20.20
C VAL B 64 -4.99 -13.59 20.98
N LYS B 65 -5.28 -12.65 21.89
CA LYS B 65 -4.20 -11.98 22.60
C LYS B 65 -3.41 -12.94 23.47
N ARG B 66 -4.09 -13.91 24.11
CA ARG B 66 -3.39 -14.87 24.94
C ARG B 66 -2.38 -15.68 24.13
N THR B 67 -2.81 -16.23 23.00
CA THR B 67 -1.88 -17.05 22.23
C THR B 67 -0.76 -16.22 21.64
N THR B 68 -1.08 -14.97 21.23
CA THR B 68 -0.06 -14.07 20.73
C THR B 68 1.03 -13.84 21.78
N LYS B 69 0.64 -13.76 23.05
CA LYS B 69 1.62 -13.47 24.10
C LYS B 69 2.48 -14.68 24.39
N LEU B 70 1.87 -15.87 24.37
CA LEU B 70 2.64 -17.09 24.62
C LEU B 70 3.64 -17.34 23.50
N ALA B 71 3.18 -17.26 22.25
CA ALA B 71 4.08 -17.47 21.11
C ALA B 71 5.27 -16.52 21.14
N ASN B 72 5.04 -15.25 21.48
CA ASN B 72 6.13 -14.28 21.52
C ASN B 72 7.13 -14.64 22.62
N GLU B 73 6.63 -15.14 23.75
CA GLU B 73 7.51 -15.61 24.82
C GLU B 73 8.35 -16.79 24.35
N LEU B 74 7.72 -17.75 23.66
CA LEU B 74 8.45 -18.90 23.14
C LEU B 74 9.46 -18.53 22.06
N GLY B 75 9.36 -17.32 21.49
CA GLY B 75 10.23 -16.92 20.41
C GLY B 75 9.74 -17.31 19.04
N VAL B 76 8.43 -17.46 18.85
CA VAL B 76 7.91 -17.64 17.51
C VAL B 76 8.17 -16.38 16.71
N LYS B 77 8.51 -16.54 15.44
CA LYS B 77 8.84 -15.40 14.59
C LYS B 77 7.67 -14.87 13.80
N VAL B 78 6.76 -15.75 13.37
CA VAL B 78 5.56 -15.32 12.65
C VAL B 78 4.38 -16.13 13.19
N LEU B 79 3.32 -15.45 13.57
CA LEU B 79 2.07 -16.12 13.94
C LEU B 79 0.99 -15.61 13.01
N THR B 80 0.45 -16.50 12.18
CA THR B 80 -0.56 -16.13 11.20
C THR B 80 -1.88 -16.70 11.69
N LEU B 81 -2.85 -15.82 11.90
CA LEU B 81 -4.13 -16.21 12.47
C LEU B 81 -5.21 -16.02 11.42
N TYR B 82 -6.07 -17.02 11.26
CA TYR B 82 -7.09 -17.01 10.20
C TYR B 82 -8.41 -16.59 10.85
N ALA B 83 -8.72 -15.29 10.77
CA ALA B 83 -9.80 -14.67 11.52
C ALA B 83 -11.08 -14.50 10.70
N PHE B 84 -10.97 -14.20 9.41
CA PHE B 84 -12.15 -13.97 8.58
C PHE B 84 -11.95 -14.67 7.25
N SER B 85 -12.78 -15.68 7.00
CA SER B 85 -12.76 -16.43 5.76
C SER B 85 -13.57 -15.70 4.69
N THR B 86 -13.28 -15.99 3.43
CA THR B 86 -14.03 -15.41 2.34
C THR B 86 -15.47 -15.92 2.24
N GLU B 87 -15.80 -16.93 3.05
CA GLU B 87 -17.16 -17.51 3.03
C GLU B 87 -17.86 -17.19 4.35
N ASN B 88 -17.31 -16.22 5.08
CA ASN B 88 -17.90 -15.74 6.36
C ASN B 88 -18.90 -14.61 6.07
N TRP B 89 -19.01 -14.26 4.79
CA TRP B 89 -19.95 -13.21 4.30
C TRP B 89 -21.37 -13.79 4.28
N LYS B 90 -21.48 -15.12 4.40
CA LYS B 90 -22.77 -15.85 4.38
C LYS B 90 -23.56 -15.65 5.66
N ARG B 91 -22.90 -15.24 6.74
CA ARG B 91 -23.52 -15.12 8.08
C ARG B 91 -24.52 -13.95 8.14
N PRO B 92 -25.41 -13.88 9.14
CA PRO B 92 -26.37 -12.80 9.24
C PRO B 92 -25.65 -11.46 9.34
N LYS B 93 -26.19 -10.46 8.66
CA LYS B 93 -25.57 -9.12 8.58
C LYS B 93 -25.25 -8.59 9.97
N MET B 94 -26.02 -8.93 10.99
CA MET B 94 -25.64 -8.44 12.33
C MET B 94 -24.34 -9.09 12.81
N GLU B 95 -24.17 -10.39 12.57
CA GLU B 95 -22.97 -11.09 13.05
C GLU B 95 -21.77 -10.53 12.28
N VAL B 96 -21.95 -10.32 10.99
CA VAL B 96 -20.84 -9.83 10.18
C VAL B 96 -20.47 -8.40 10.60
N ASP B 97 -21.47 -7.56 10.86
CA ASP B 97 -21.19 -6.24 11.42
C ASP B 97 -20.34 -6.34 12.68
N PHE B 98 -20.72 -7.25 13.59
CA PHE B 98 -19.95 -7.46 14.82
C PHE B 98 -18.53 -7.94 14.51
N LEU B 99 -18.43 -8.95 13.65
CA LEU B 99 -17.12 -9.53 13.26
C LEU B 99 -16.24 -8.43 12.68
N MET B 100 -16.82 -7.55 11.88
CA MET B 100 -16.08 -6.45 11.23
C MET B 100 -15.67 -5.34 12.21
N LYS B 101 -16.22 -5.33 13.43
CA LYS B 101 -15.82 -4.37 14.49
C LYS B 101 -14.83 -5.05 15.42
N LEU B 102 -14.63 -6.37 15.34
CA LEU B 102 -13.62 -6.98 16.22
C LEU B 102 -12.22 -6.43 15.99
N PRO B 103 -11.74 -6.21 14.75
CA PRO B 103 -10.37 -5.66 14.62
C PRO B 103 -10.22 -4.32 15.31
N GLU B 104 -11.24 -3.43 15.24
CA GLU B 104 -11.21 -2.18 16.01
C GLU B 104 -11.14 -2.45 17.51
N GLU B 105 -12.01 -3.33 18.01
CA GLU B 105 -12.03 -3.61 19.45
C GLU B 105 -10.75 -4.29 19.91
N PHE B 106 -10.26 -5.26 19.14
CA PHE B 106 -9.00 -5.94 19.50
C PHE B 106 -7.88 -4.93 19.66
N LEU B 107 -7.75 -4.03 18.69
CA LEU B 107 -6.65 -3.07 18.70
C LEU B 107 -6.82 -2.04 19.80
N ASN B 108 -8.02 -1.50 19.97
CA ASN B 108 -8.18 -0.45 20.97
C ASN B 108 -8.01 -0.96 22.40
N THR B 109 -8.05 -2.28 22.62
CA THR B 109 -7.81 -2.80 23.95
C THR B 109 -6.46 -3.49 24.11
N TYR B 110 -5.84 -3.94 23.00
CA TYR B 110 -4.63 -4.75 23.07
C TYR B 110 -3.42 -4.15 22.35
N LEU B 111 -3.63 -3.32 21.32
CA LEU B 111 -2.51 -2.69 20.61
C LEU B 111 -1.46 -2.04 21.50
N PRO B 112 -1.80 -1.28 22.57
CA PRO B 112 -0.73 -0.65 23.37
C PRO B 112 0.34 -1.62 23.83
N GLU B 113 -0.04 -2.80 24.36
CA GLU B 113 0.96 -3.78 24.76
C GLU B 113 1.50 -4.58 23.60
N LEU B 114 0.77 -4.65 22.48
CA LEU B 114 1.35 -5.22 21.28
C LEU B 114 2.59 -4.43 20.84
N VAL B 115 2.56 -3.11 21.02
CA VAL B 115 3.69 -2.31 20.64
C VAL B 115 4.83 -2.46 21.63
N GLU B 116 4.51 -2.57 22.92
CA GLU B 116 5.54 -2.79 23.93
C GLU B 116 6.16 -4.17 23.80
N GLU B 117 5.38 -5.15 23.33
CA GLU B 117 5.90 -6.50 23.10
C GLU B 117 6.69 -6.62 21.79
N ASN B 118 7.01 -5.49 21.15
CA ASN B 118 7.80 -5.41 19.92
C ASN B 118 7.12 -6.09 18.74
N VAL B 119 5.80 -6.34 18.85
CA VAL B 119 5.09 -7.09 17.83
C VAL B 119 4.95 -6.26 16.55
N GLN B 120 5.13 -6.91 15.41
CA GLN B 120 4.86 -6.33 14.09
C GLN B 120 3.55 -6.93 13.60
N VAL B 121 2.47 -6.13 13.57
CA VAL B 121 1.15 -6.64 13.17
C VAL B 121 0.91 -6.32 11.70
N ARG B 122 0.45 -7.33 10.94
CA ARG B 122 0.25 -7.19 9.50
C ARG B 122 -1.02 -7.93 9.08
N ILE B 123 -1.41 -7.73 7.81
CA ILE B 123 -2.65 -8.27 7.27
C ILE B 123 -2.39 -8.86 5.89
N ILE B 124 -2.95 -10.05 5.64
CA ILE B 124 -2.93 -10.67 4.32
C ILE B 124 -4.36 -10.98 3.93
N GLY B 125 -4.64 -10.89 2.64
CA GLY B 125 -5.97 -11.10 2.09
C GLY B 125 -6.45 -9.88 1.30
N ASP B 126 -7.71 -9.92 0.90
CA ASP B 126 -8.28 -8.84 0.10
C ASP B 126 -8.97 -7.82 1.01
N GLU B 127 -8.39 -6.61 1.09
CA GLU B 127 -8.96 -5.54 1.89
C GLU B 127 -9.94 -4.67 1.12
N THR B 128 -10.04 -4.83 -0.20
CA THR B 128 -11.05 -4.12 -0.99
C THR B 128 -12.44 -4.26 -0.39
N ALA B 129 -12.70 -5.36 0.30
CA ALA B 129 -14.05 -5.69 0.75
C ALA B 129 -14.40 -5.16 2.14
N LEU B 130 -13.42 -4.80 2.96
CA LEU B 130 -13.72 -4.44 4.33
C LEU B 130 -14.39 -3.06 4.39
N PRO B 131 -15.22 -2.83 5.40
CA PRO B 131 -15.76 -1.48 5.63
C PRO B 131 -14.66 -0.45 5.81
N ALA B 132 -14.98 0.80 5.46
CA ALA B 132 -13.97 1.85 5.54
C ALA B 132 -13.42 2.00 6.95
N HIS B 133 -14.29 1.96 7.96
CA HIS B 133 -13.84 2.10 9.34
C HIS B 133 -12.91 0.95 9.75
N THR B 134 -13.23 -0.28 9.31
CA THR B 134 -12.40 -1.44 9.68
C THR B 134 -10.98 -1.28 9.15
N LEU B 135 -10.83 -0.95 7.86
CA LEU B 135 -9.49 -0.84 7.28
C LEU B 135 -8.77 0.39 7.79
N ARG B 136 -9.49 1.49 8.00
CA ARG B 136 -8.88 2.64 8.66
C ARG B 136 -8.24 2.22 9.98
N ALA B 137 -8.99 1.46 10.79
CA ALA B 137 -8.47 1.01 12.08
C ALA B 137 -7.26 0.09 11.92
N ILE B 138 -7.36 -0.89 11.02
CA ILE B 138 -6.29 -1.86 10.84
C ILE B 138 -5.01 -1.17 10.36
N GLU B 139 -5.12 -0.26 9.41
CA GLU B 139 -3.91 0.33 8.85
C GLU B 139 -3.26 1.34 9.78
N LYS B 140 -3.96 1.73 10.84
CA LYS B 140 -3.29 2.57 11.85
C LYS B 140 -2.42 1.62 12.67
N ALA B 141 -2.93 0.42 12.92
CA ALA B 141 -2.19 -0.58 13.69
C ALA B 141 -0.91 -0.97 12.95
N VAL B 142 -1.00 -1.15 11.64
CA VAL B 142 0.20 -1.53 10.87
C VAL B 142 1.23 -0.43 11.01
N GLN B 143 0.80 0.82 10.85
CA GLN B 143 1.73 1.98 10.94
C GLN B 143 2.33 2.09 12.33
N ASP B 144 1.56 1.90 13.38
CA ASP B 144 2.19 2.10 14.71
C ASP B 144 3.16 0.96 14.99
N THR B 145 3.03 -0.16 14.30
CA THR B 145 3.93 -1.28 14.56
C THR B 145 5.02 -1.44 13.50
N ALA B 146 5.15 -0.48 12.58
CA ALA B 146 6.05 -0.67 11.44
C ALA B 146 7.52 -0.66 11.86
N GLN B 147 7.89 0.26 12.75
CA GLN B 147 9.27 0.35 13.21
C GLN B 147 9.68 -0.84 14.08
N ASN B 148 8.73 -1.61 14.60
CA ASN B 148 9.08 -2.74 15.43
C ASN B 148 9.73 -3.84 14.59
N ASP B 149 10.46 -4.73 15.27
CA ASP B 149 11.15 -5.80 14.57
C ASP B 149 10.98 -7.14 15.27
N GLY B 150 10.02 -7.26 16.19
CA GLY B 150 9.79 -8.49 16.90
C GLY B 150 8.90 -9.44 16.13
N MET B 151 8.14 -10.25 16.88
CA MET B 151 7.28 -11.25 16.26
C MET B 151 6.28 -10.61 15.31
N ILE B 152 6.06 -11.26 14.17
CA ILE B 152 5.13 -10.77 13.17
C ILE B 152 3.79 -11.44 13.39
N LEU B 153 2.77 -10.63 13.71
CA LEU B 153 1.40 -11.11 13.90
C LEU B 153 0.60 -10.81 12.64
N ASN B 154 0.25 -11.87 11.90
CA ASN B 154 -0.42 -11.77 10.61
C ASN B 154 -1.86 -12.24 10.75
N PHE B 155 -2.79 -11.29 10.78
CA PHE B 155 -4.20 -11.61 10.64
C PHE B 155 -4.52 -11.82 9.17
N ALA B 156 -5.08 -12.98 8.84
CA ALA B 156 -5.55 -13.23 7.49
C ALA B 156 -7.03 -12.92 7.44
N LEU B 157 -7.41 -11.93 6.63
CA LEU B 157 -8.81 -11.52 6.53
C LEU B 157 -9.19 -11.49 5.06
N ASN B 158 -10.31 -12.11 4.72
CA ASN B 158 -10.78 -12.14 3.34
C ASN B 158 -9.72 -12.84 2.48
N TYR B 159 -9.13 -13.90 3.02
CA TYR B 159 -7.98 -14.55 2.44
C TYR B 159 -8.39 -15.86 1.80
N GLY B 160 -8.05 -16.02 0.52
CA GLY B 160 -8.36 -17.26 -0.18
C GLY B 160 -7.15 -17.92 -0.81
N GLY B 161 -6.98 -19.22 -0.57
CA GLY B 161 -5.87 -20.00 -1.12
C GLY B 161 -5.75 -19.96 -2.64
N ARG B 162 -6.81 -20.38 -3.34
CA ARG B 162 -6.77 -20.38 -4.80
C ARG B 162 -6.67 -18.96 -5.37
N THR B 163 -7.49 -18.01 -4.86
CA THR B 163 -7.49 -16.65 -5.41
C THR B 163 -6.11 -16.02 -5.34
N GLU B 164 -5.38 -16.25 -4.25
CA GLU B 164 -4.00 -15.77 -4.17
C GLU B 164 -3.13 -16.36 -5.28
N ILE B 165 -3.27 -17.66 -5.54
CA ILE B 165 -2.47 -18.33 -6.56
C ILE B 165 -2.80 -17.79 -7.95
N VAL B 166 -4.10 -17.65 -8.26
CA VAL B 166 -4.51 -17.09 -9.53
C VAL B 166 -3.92 -15.71 -9.79
N SER B 167 -3.88 -14.85 -8.77
CA SER B 167 -3.43 -13.50 -9.08
C SER B 167 -1.90 -13.40 -9.09
N ALA B 168 -1.22 -14.24 -8.32
CA ALA B 168 0.20 -14.49 -8.60
C ALA B 168 0.42 -14.87 -10.06
N ALA B 169 -0.36 -15.82 -10.58
CA ALA B 169 -0.28 -16.16 -11.99
C ALA B 169 -0.58 -14.96 -12.87
N LYS B 170 -1.66 -14.22 -12.54
CA LYS B 170 -2.07 -13.07 -13.33
C LYS B 170 -1.02 -11.97 -13.34
N SER B 171 -0.34 -11.74 -12.22
CA SER B 171 0.74 -10.76 -12.21
C SER B 171 1.89 -11.22 -13.09
N LEU B 172 2.29 -12.49 -12.96
CA LEU B 172 3.36 -13.05 -13.78
C LEU B 172 3.09 -12.83 -15.27
N ALA B 173 1.89 -13.19 -15.72
CA ALA B 173 1.60 -13.02 -17.14
C ALA B 173 1.67 -11.55 -17.56
N GLU B 174 1.29 -10.63 -16.67
CA GLU B 174 1.36 -9.20 -17.02
C GLU B 174 2.80 -8.79 -17.26
N LYS B 175 3.72 -9.21 -16.40
CA LYS B 175 5.13 -8.91 -16.64
C LYS B 175 5.67 -9.60 -17.89
N VAL B 176 5.18 -10.80 -18.21
CA VAL B 176 5.59 -11.41 -19.45
C VAL B 176 5.01 -10.63 -20.64
N LYS B 177 3.75 -10.20 -20.53
CA LYS B 177 3.11 -9.52 -21.65
C LYS B 177 3.79 -8.20 -21.96
N GLU B 178 4.22 -7.47 -20.93
CA GLU B 178 4.92 -6.21 -21.10
C GLU B 178 6.36 -6.37 -21.55
N GLY B 179 6.86 -7.61 -21.61
CA GLY B 179 8.24 -7.83 -21.98
C GLY B 179 9.24 -7.65 -20.86
N SER B 180 8.81 -7.76 -19.61
CA SER B 180 9.69 -7.56 -18.48
C SER B 180 10.16 -8.86 -17.83
N LEU B 181 9.64 -10.00 -18.27
CA LEU B 181 9.94 -11.27 -17.63
C LEU B 181 9.85 -12.37 -18.67
N ASN B 182 10.87 -13.22 -18.71
CA ASN B 182 10.91 -14.35 -19.62
C ASN B 182 10.28 -15.58 -18.97
N ILE B 183 9.54 -16.34 -19.77
CA ILE B 183 8.77 -17.45 -19.22
C ILE B 183 9.67 -18.51 -18.57
N GLU B 184 10.89 -18.68 -19.05
CA GLU B 184 11.78 -19.71 -18.50
C GLU B 184 12.33 -19.37 -17.12
N ASP B 185 12.26 -18.11 -16.70
CA ASP B 185 12.75 -17.73 -15.39
C ASP B 185 11.69 -17.87 -14.32
N ILE B 186 10.49 -18.30 -14.70
CA ILE B 186 9.41 -18.55 -13.74
C ILE B 186 9.68 -19.93 -13.13
N ASP B 187 10.16 -19.94 -11.90
CA ASP B 187 10.28 -21.18 -11.16
C ASP B 187 9.53 -21.06 -9.84
N GLU B 188 9.60 -22.15 -9.07
CA GLU B 188 8.99 -22.22 -7.76
C GLU B 188 9.38 -21.03 -6.88
N SER B 189 10.68 -20.75 -6.77
CA SER B 189 11.12 -19.64 -5.94
C SER B 189 10.47 -18.33 -6.38
N LEU B 190 10.50 -18.05 -7.68
CA LEU B 190 9.93 -16.79 -8.16
C LEU B 190 8.44 -16.72 -7.86
N PHE B 191 7.73 -17.82 -8.08
CA PHE B 191 6.29 -17.82 -7.87
C PHE B 191 5.96 -17.43 -6.44
N SER B 192 6.69 -17.98 -5.48
CA SER B 192 6.45 -17.65 -4.08
C SER B 192 6.51 -16.16 -3.82
N THR B 193 7.45 -15.45 -4.46
CA THR B 193 7.52 -14.01 -4.24
C THR B 193 6.31 -13.27 -4.78
N TYR B 194 5.40 -13.94 -5.48
CA TYR B 194 4.19 -13.28 -5.98
C TYR B 194 2.96 -13.62 -5.16
N LEU B 195 3.11 -14.40 -4.09
CA LEU B 195 2.03 -14.66 -3.16
C LEU B 195 1.95 -13.51 -2.13
N MET B 196 0.84 -13.47 -1.38
CA MET B 196 0.68 -12.47 -0.32
C MET B 196 1.68 -12.65 0.80
N THR B 197 2.39 -13.79 0.84
CA THR B 197 3.28 -14.14 1.93
C THR B 197 4.77 -13.90 1.61
N GLU B 198 5.07 -13.15 0.55
CA GLU B 198 6.41 -13.11 -0.05
C GLU B 198 7.57 -13.11 0.95
N SER B 199 7.60 -12.13 1.85
CA SER B 199 8.69 -12.08 2.81
C SER B 199 8.74 -13.37 3.64
N LEU B 200 7.58 -13.83 4.07
CA LEU B 200 7.50 -14.81 5.15
C LEU B 200 7.99 -16.18 4.72
N GLN B 201 8.77 -16.81 5.58
CA GLN B 201 9.01 -18.24 5.46
C GLN B 201 7.69 -18.99 5.63
N ASP B 202 7.60 -20.15 4.98
CA ASP B 202 6.41 -20.98 5.09
C ASP B 202 6.22 -21.46 6.53
N PRO B 203 4.99 -21.59 7.00
CA PRO B 203 4.78 -22.14 8.35
C PRO B 203 5.26 -23.58 8.42
N GLU B 204 6.03 -23.88 9.48
CA GLU B 204 6.35 -25.27 9.80
C GLU B 204 5.22 -25.98 10.55
N LEU B 205 4.29 -25.23 11.16
CA LEU B 205 3.22 -25.82 11.95
C LEU B 205 1.92 -25.10 11.65
N LEU B 206 0.88 -25.86 11.32
CA LEU B 206 -0.47 -25.32 11.18
C LEU B 206 -1.41 -26.05 12.13
N ILE B 207 -2.10 -25.27 12.96
CA ILE B 207 -3.05 -25.75 13.94
C ILE B 207 -4.44 -25.39 13.47
N ARG B 208 -5.34 -26.37 13.49
CA ARG B 208 -6.76 -26.12 13.24
C ARG B 208 -7.58 -26.63 14.41
N THR B 209 -8.45 -25.78 14.94
CA THR B 209 -9.29 -26.13 16.06
C THR B 209 -10.69 -26.49 15.59
N SER B 210 -11.54 -26.87 16.53
CA SER B 210 -12.95 -27.20 16.36
C SER B 210 -13.20 -28.54 15.66
N GLY B 211 -12.16 -29.37 15.51
CA GLY B 211 -12.35 -30.77 15.14
C GLY B 211 -12.63 -31.05 13.68
N GLU B 212 -12.54 -30.05 12.79
CA GLU B 212 -12.63 -30.30 11.37
C GLU B 212 -11.24 -30.56 10.80
N ILE B 213 -11.15 -31.56 9.93
CA ILE B 213 -9.85 -32.06 9.47
C ILE B 213 -9.85 -31.84 7.96
N ARG B 214 -9.31 -30.68 7.57
CA ARG B 214 -9.68 -29.93 6.38
C ARG B 214 -8.73 -28.75 6.30
N LEU B 215 -8.52 -28.24 5.10
CA LEU B 215 -7.71 -27.05 4.93
C LEU B 215 -8.52 -25.80 4.62
N SER B 216 -9.69 -25.94 4.02
CA SER B 216 -10.60 -24.83 3.78
C SER B 216 -9.95 -23.70 2.99
N ASN B 217 -9.15 -24.05 1.97
CA ASN B 217 -8.64 -23.08 0.99
C ASN B 217 -7.71 -22.03 1.64
N PHE B 218 -6.88 -22.48 2.58
CA PHE B 218 -6.03 -21.59 3.38
C PHE B 218 -4.57 -21.97 3.16
N MET B 219 -3.82 -21.05 2.53
CA MET B 219 -2.37 -21.11 2.40
C MET B 219 -1.91 -22.38 1.69
N LEU B 220 -2.61 -22.71 0.60
CA LEU B 220 -2.42 -23.98 -0.09
C LEU B 220 -0.96 -24.18 -0.50
N TRP B 221 -0.41 -23.26 -1.29
CA TRP B 221 1.00 -23.33 -1.66
C TRP B 221 1.89 -23.48 -0.44
N GLN B 222 1.69 -22.64 0.58
CA GLN B 222 2.67 -22.46 1.65
C GLN B 222 2.71 -23.62 2.65
N VAL B 223 1.65 -24.42 2.76
CA VAL B 223 1.62 -25.50 3.74
C VAL B 223 1.97 -26.85 3.08
N ALA B 224 2.68 -26.81 1.95
CA ALA B 224 3.00 -28.05 1.25
C ALA B 224 3.77 -28.99 2.16
N TYR B 225 4.67 -28.46 2.98
CA TYR B 225 5.49 -29.29 3.84
C TYR B 225 5.20 -29.12 5.32
N SER B 226 4.19 -28.33 5.67
CA SER B 226 3.92 -28.05 7.08
C SER B 226 3.43 -29.30 7.80
N GLU B 227 3.80 -29.42 9.07
CA GLU B 227 3.10 -30.35 9.96
C GLU B 227 1.72 -29.79 10.34
N PHE B 228 0.71 -30.65 10.31
CA PHE B 228 -0.64 -30.28 10.69
C PHE B 228 -0.96 -30.86 12.06
N VAL B 229 -1.55 -30.03 12.93
CA VAL B 229 -2.05 -30.50 14.22
C VAL B 229 -3.51 -30.07 14.34
N PHE B 230 -4.41 -31.04 14.39
CA PHE B 230 -5.83 -30.81 14.58
C PHE B 230 -6.23 -31.14 16.01
N THR B 231 -7.19 -30.39 16.53
CA THR B 231 -7.73 -30.66 17.86
C THR B 231 -9.22 -30.46 17.84
N ASP B 232 -9.91 -31.17 18.74
CA ASP B 232 -11.33 -30.98 18.89
C ASP B 232 -11.65 -29.76 19.75
N VAL B 233 -10.64 -29.22 20.44
CA VAL B 233 -10.82 -28.06 21.30
C VAL B 233 -11.28 -26.88 20.47
N LEU B 234 -12.41 -26.30 20.85
CA LEU B 234 -12.92 -25.09 20.18
C LEU B 234 -11.99 -23.92 20.46
N TRP B 235 -11.92 -22.99 19.50
CA TRP B 235 -10.97 -21.84 19.56
C TRP B 235 -11.04 -21.04 20.87
N PRO B 236 -12.21 -20.67 21.41
CA PRO B 236 -12.31 -19.92 22.66
C PRO B 236 -11.73 -20.67 23.86
N ASP B 237 -11.78 -22.01 23.83
CA ASP B 237 -11.21 -22.89 24.87
C ASP B 237 -9.74 -23.16 24.56
N PHE B 238 -9.19 -22.66 23.47
CA PHE B 238 -7.78 -23.02 23.14
C PHE B 238 -6.81 -22.13 23.89
N LYS B 239 -6.52 -22.47 25.14
CA LYS B 239 -5.61 -21.62 25.94
C LYS B 239 -4.19 -22.20 26.02
N GLU B 240 -3.38 -21.70 26.95
CA GLU B 240 -1.93 -22.01 27.03
C GLU B 240 -1.65 -23.50 27.15
N ASP B 241 -2.40 -24.22 27.97
CA ASP B 241 -2.09 -25.65 28.12
C ASP B 241 -2.28 -26.38 26.79
N HIS B 242 -3.37 -26.12 26.09
CA HIS B 242 -3.71 -26.80 24.82
C HIS B 242 -2.73 -26.41 23.73
N PHE B 243 -2.33 -25.16 23.71
CA PHE B 243 -1.33 -24.69 22.76
C PHE B 243 0.03 -25.33 23.03
N LEU B 244 0.36 -25.46 24.31
CA LEU B 244 1.63 -26.11 24.68
C LEU B 244 1.52 -27.56 24.25
N GLN B 245 0.33 -28.15 24.38
CA GLN B 245 0.16 -29.55 23.97
C GLN B 245 0.35 -29.67 22.47
N ALA B 246 -0.11 -28.68 21.70
CA ALA B 246 0.06 -28.69 20.24
C ALA B 246 1.55 -28.61 19.93
N LEU B 247 2.24 -27.69 20.58
CA LEU B 247 3.67 -27.54 20.26
C LEU B 247 4.40 -28.83 20.60
N GLY B 248 3.99 -29.52 21.65
CA GLY B 248 4.66 -30.78 21.98
C GLY B 248 4.43 -31.86 20.96
N GLU B 249 3.22 -31.94 20.40
CA GLU B 249 2.94 -32.86 19.31
C GLU B 249 3.86 -32.58 18.13
N PHE B 250 3.95 -31.31 17.72
CA PHE B 250 4.87 -30.90 16.67
C PHE B 250 6.31 -31.32 16.97
N GLN B 251 6.66 -31.42 18.25
CA GLN B 251 8.06 -31.76 18.58
C GLN B 251 8.31 -33.24 18.33
N GLN B 252 7.38 -34.10 18.71
CA GLN B 252 7.54 -35.56 18.53
C GLN B 252 7.61 -35.92 17.05
N ARG B 253 6.85 -35.22 16.21
CA ARG B 253 6.88 -35.49 14.76
C ARG B 253 8.33 -35.39 14.33
N GLY B 254 9.09 -34.56 15.02
CA GLY B 254 10.52 -34.33 14.73
C GLY B 254 11.40 -35.21 15.59
N ARG B 255 10.80 -36.21 16.25
CA ARG B 255 11.48 -37.15 17.16
C ARG B 255 12.30 -36.33 18.16
#